data_3LWX
#
_entry.id   3LWX
#
_cell.length_a   37.444
_cell.length_b   60.693
_cell.length_c   82.758
_cell.angle_alpha   90.00
_cell.angle_beta   90.00
_cell.angle_gamma   90.00
#
_symmetry.space_group_name_H-M   'P 21 21 21'
#
loop_
_entity.id
_entity.type
_entity.pdbx_description
1 polymer 'NADH:ubiquinone oxidoreductase, Na translocating, C subunit'
2 non-polymer GLYCEROL
3 water water
#
_entity_poly.entity_id   1
_entity_poly.type   'polypeptide(L)'
_entity_poly.pdbx_seq_one_letter_code
;GQSLRSFQKQNEDNDKRQQILRSINVNVSSSEAETKYNELIKEAFLVNENGEKVEGDAFATDVVKAATEHQYPVFVANVD
GQPKYI(MSE)ALHGAGLWGPLWGYISVDSDKNTIYGADFSHQGETPGLGAEISKPVFSNEFKGKKIF(MSE)SGEFKSV
AVVKPGKSVAGQDYVDGISGGTITSKGVDE(MSE)LFNSLSGYVKFLTSQN
;
_entity_poly.pdbx_strand_id   A
#
loop_
_chem_comp.id
_chem_comp.type
_chem_comp.name
_chem_comp.formula
GOL non-polymer GLYCEROL 'C3 H8 O3'
#
# COMPACT_ATOMS: atom_id res chain seq x y z
N GLY A 1 -5.60 -19.79 -29.87
CA GLY A 1 -4.48 -19.15 -29.16
C GLY A 1 -5.01 -18.47 -27.91
N GLN A 2 -4.13 -17.69 -27.24
CA GLN A 2 -4.52 -16.90 -26.09
C GLN A 2 -5.55 -15.84 -26.47
N SER A 3 -6.66 -15.76 -25.74
CA SER A 3 -7.65 -14.76 -26.03
C SER A 3 -7.13 -13.34 -25.77
N LEU A 4 -7.77 -12.37 -26.42
CA LEU A 4 -7.47 -10.96 -26.21
CA LEU A 4 -7.42 -10.98 -26.21
C LEU A 4 -7.63 -10.60 -24.74
N ARG A 5 -8.74 -11.03 -24.14
CA ARG A 5 -8.97 -10.66 -22.75
C ARG A 5 -7.95 -11.32 -21.82
N SER A 6 -7.50 -12.53 -22.14
CA SER A 6 -6.48 -13.17 -21.32
C SER A 6 -5.18 -12.36 -21.37
N PHE A 7 -4.82 -11.87 -22.56
CA PHE A 7 -3.59 -11.08 -22.68
C PHE A 7 -3.74 -9.75 -21.93
N GLN A 8 -4.89 -9.11 -22.04
CA GLN A 8 -5.14 -7.86 -21.32
CA GLN A 8 -5.13 -7.86 -21.32
C GLN A 8 -5.05 -8.11 -19.81
N LYS A 9 -5.67 -9.19 -19.34
CA LYS A 9 -5.64 -9.54 -17.92
CA LYS A 9 -5.63 -9.51 -17.92
CA LYS A 9 -5.63 -9.54 -17.92
C LYS A 9 -4.21 -9.81 -17.46
N GLN A 10 -3.43 -10.52 -18.26
CA GLN A 10 -2.06 -10.79 -17.91
CA GLN A 10 -2.04 -10.82 -17.85
C GLN A 10 -1.28 -9.49 -17.69
N ASN A 11 -1.52 -8.53 -18.58
CA ASN A 11 -0.84 -7.25 -18.46
C ASN A 11 -1.26 -6.51 -17.20
N GLU A 12 -2.55 -6.53 -16.91
CA GLU A 12 -3.05 -5.89 -15.69
C GLU A 12 -2.50 -6.56 -14.44
N ASP A 13 -2.47 -7.89 -14.45
CA ASP A 13 -1.96 -8.65 -13.32
C ASP A 13 -0.47 -8.39 -13.12
N ASN A 14 0.29 -8.32 -14.19
CA ASN A 14 1.72 -8.03 -14.05
C ASN A 14 1.96 -6.61 -13.52
N ASP A 15 1.13 -5.66 -13.92
CA ASP A 15 1.20 -4.30 -13.40
C ASP A 15 0.95 -4.34 -11.88
N LYS A 16 -0.10 -5.04 -11.44
CA LYS A 16 -0.37 -5.16 -10.02
C LYS A 16 0.80 -5.83 -9.29
N ARG A 17 1.35 -6.92 -9.87
CA ARG A 17 2.49 -7.58 -9.26
CA ARG A 17 2.51 -7.57 -9.27
C ARG A 17 3.67 -6.60 -9.12
N GLN A 18 3.91 -5.78 -10.16
CA GLN A 18 4.97 -4.77 -10.09
C GLN A 18 4.74 -3.78 -8.94
N GLN A 19 3.49 -3.34 -8.76
CA GLN A 19 3.16 -2.40 -7.68
C GLN A 19 3.45 -3.02 -6.31
N ILE A 20 2.98 -4.24 -6.10
CA ILE A 20 3.21 -4.96 -4.86
C ILE A 20 4.71 -5.12 -4.64
N LEU A 21 5.43 -5.54 -5.68
CA LEU A 21 6.88 -5.68 -5.55
C LEU A 21 7.57 -4.35 -5.21
N ARG A 22 7.14 -3.25 -5.82
CA ARG A 22 7.75 -1.96 -5.50
C ARG A 22 7.57 -1.62 -4.03
N SER A 23 6.46 -2.05 -3.42
CA SER A 23 6.23 -1.78 -2.00
C SER A 23 7.18 -2.55 -1.08
N ILE A 24 7.85 -3.59 -1.62
CA ILE A 24 8.91 -4.30 -0.90
C ILE A 24 10.26 -4.05 -1.58
N ASN A 25 10.39 -2.92 -2.27
CA ASN A 25 11.68 -2.46 -2.80
C ASN A 25 12.28 -3.34 -3.87
N VAL A 26 11.40 -3.87 -4.73
CA VAL A 26 11.80 -4.71 -5.86
C VAL A 26 11.20 -4.08 -7.11
N ASN A 27 12.08 -3.71 -8.05
CA ASN A 27 11.71 -3.00 -9.26
C ASN A 27 12.06 -3.82 -10.47
N VAL A 28 11.08 -4.46 -11.06
CA VAL A 28 11.29 -5.30 -12.24
C VAL A 28 10.30 -4.94 -13.33
N SER A 29 10.57 -5.39 -14.54
CA SER A 29 9.70 -5.14 -15.68
C SER A 29 8.50 -6.06 -15.65
N SER A 30 7.52 -5.76 -16.49
CA SER A 30 6.29 -6.54 -16.56
CA SER A 30 6.30 -6.54 -16.51
C SER A 30 6.56 -8.01 -16.83
N SER A 31 7.49 -8.29 -17.76
CA SER A 31 7.78 -9.68 -18.15
C SER A 31 8.51 -10.47 -17.07
N GLU A 32 9.06 -9.77 -16.08
CA GLU A 32 9.77 -10.39 -14.96
C GLU A 32 8.90 -10.53 -13.70
N ALA A 33 7.76 -9.85 -13.70
CA ALA A 33 7.00 -9.69 -12.47
C ALA A 33 6.42 -10.98 -11.90
N GLU A 34 5.94 -11.89 -12.75
CA GLU A 34 5.32 -13.09 -12.23
CA GLU A 34 5.34 -13.12 -12.27
C GLU A 34 6.33 -13.97 -11.49
N THR A 35 7.49 -14.21 -12.09
CA THR A 35 8.52 -15.03 -11.45
CA THR A 35 8.47 -15.06 -11.42
C THR A 35 9.06 -14.38 -10.20
N LYS A 36 9.32 -13.08 -10.27
CA LYS A 36 9.85 -12.35 -9.12
CA LYS A 36 9.85 -12.39 -9.10
C LYS A 36 8.83 -12.38 -7.96
N TYR A 37 7.56 -12.16 -8.29
CA TYR A 37 6.49 -12.20 -7.29
C TYR A 37 6.45 -13.57 -6.62
N ASN A 38 6.54 -14.62 -7.43
CA ASN A 38 6.48 -15.97 -6.87
C ASN A 38 7.72 -16.34 -6.06
N GLU A 39 8.87 -15.72 -6.35
N GLU A 39 8.87 -15.73 -6.31
CA GLU A 39 10.10 -15.88 -5.54
CA GLU A 39 10.02 -16.00 -5.44
C GLU A 39 9.98 -15.28 -4.13
C GLU A 39 9.78 -15.42 -4.05
N LEU A 40 9.11 -14.27 -3.98
CA LEU A 40 9.01 -13.52 -2.72
C LEU A 40 7.70 -13.66 -1.97
N ILE A 41 6.56 -13.63 -2.66
CA ILE A 41 5.24 -13.62 -2.04
C ILE A 41 4.82 -15.03 -1.90
N LYS A 42 4.73 -15.46 -0.64
N LYS A 42 4.70 -15.47 -0.65
N LYS A 42 4.68 -15.47 -0.65
CA LYS A 42 4.48 -16.84 -0.26
CA LYS A 42 4.43 -16.86 -0.30
CA LYS A 42 4.42 -16.85 -0.30
C LYS A 42 3.12 -17.13 0.40
C LYS A 42 3.08 -17.14 0.36
C LYS A 42 3.08 -17.13 0.35
N GLU A 43 2.44 -16.09 0.85
CA GLU A 43 1.09 -16.19 1.44
C GLU A 43 0.35 -15.01 0.92
N ALA A 44 -0.94 -15.18 0.70
CA ALA A 44 -1.79 -14.09 0.22
C ALA A 44 -3.19 -14.48 0.68
N PHE A 45 -3.78 -13.66 1.56
CA PHE A 45 -5.08 -13.97 2.12
C PHE A 45 -5.83 -12.72 2.48
N LEU A 46 -7.14 -12.81 2.46
CA LEU A 46 -8.01 -11.76 2.92
C LEU A 46 -8.20 -11.90 4.43
N VAL A 47 -8.26 -10.76 5.11
CA VAL A 47 -8.69 -10.72 6.50
C VAL A 47 -9.94 -9.86 6.62
N ASN A 48 -10.71 -10.14 7.65
CA ASN A 48 -11.83 -9.31 8.01
C ASN A 48 -11.38 -8.24 9.02
N GLU A 49 -12.32 -7.41 9.48
CA GLU A 49 -12.00 -6.33 10.40
CA GLU A 49 -11.98 -6.32 10.41
C GLU A 49 -11.53 -6.81 11.77
N ASN A 50 -11.77 -8.08 12.07
CA ASN A 50 -11.32 -8.66 13.31
C ASN A 50 -9.96 -9.35 13.16
N GLY A 51 -9.34 -9.26 11.99
CA GLY A 51 -8.03 -9.86 11.75
C GLY A 51 -8.05 -11.34 11.41
N GLU A 52 -9.23 -11.90 11.22
CA GLU A 52 -9.37 -13.31 10.90
C GLU A 52 -9.24 -13.55 9.41
N LYS A 53 -8.69 -14.69 9.03
CA LYS A 53 -8.56 -15.03 7.62
C LYS A 53 -9.91 -15.47 7.08
N VAL A 54 -10.26 -14.95 5.91
CA VAL A 54 -11.55 -15.25 5.30
C VAL A 54 -11.28 -15.70 3.87
N GLU A 55 -12.14 -16.56 3.34
CA GLU A 55 -11.91 -17.15 2.03
CA GLU A 55 -11.90 -17.14 2.03
C GLU A 55 -11.98 -16.12 0.91
N GLY A 56 -11.19 -16.35 -0.11
CA GLY A 56 -11.13 -15.52 -1.30
C GLY A 56 -9.71 -15.39 -1.81
N ASP A 57 -9.58 -15.23 -3.11
CA ASP A 57 -8.26 -15.09 -3.73
CA ASP A 57 -8.31 -15.06 -3.81
C ASP A 57 -7.84 -13.64 -3.54
N ALA A 58 -6.85 -13.45 -2.67
CA ALA A 58 -6.42 -12.10 -2.29
C ALA A 58 -5.91 -11.29 -3.47
N PHE A 59 -5.10 -11.89 -4.33
CA PHE A 59 -4.57 -11.18 -5.47
C PHE A 59 -5.66 -10.79 -6.47
N ALA A 60 -6.59 -11.71 -6.72
CA ALA A 60 -7.63 -11.48 -7.73
C ALA A 60 -8.71 -10.51 -7.27
N THR A 61 -8.84 -10.31 -5.97
N THR A 61 -8.76 -10.26 -5.96
CA THR A 61 -9.96 -9.51 -5.49
CA THR A 61 -9.75 -9.39 -5.35
C THR A 61 -9.67 -8.02 -5.55
C THR A 61 -9.56 -7.93 -5.67
N ASP A 62 -10.60 -7.27 -6.14
CA ASP A 62 -10.50 -5.83 -6.31
C ASP A 62 -10.48 -5.21 -4.92
N VAL A 63 -9.52 -4.33 -4.67
CA VAL A 63 -9.33 -3.77 -3.35
C VAL A 63 -10.51 -2.92 -2.87
N VAL A 64 -11.06 -2.09 -3.74
N VAL A 64 -11.04 -2.04 -3.72
CA VAL A 64 -12.22 -1.32 -3.39
CA VAL A 64 -12.12 -1.11 -3.32
C VAL A 64 -13.39 -2.28 -3.15
C VAL A 64 -13.46 -1.77 -2.94
N LYS A 65 -13.56 -3.29 -4.00
N LYS A 65 -13.94 -2.68 -3.78
CA LYS A 65 -14.64 -4.27 -3.79
CA LYS A 65 -15.18 -3.38 -3.50
C LYS A 65 -14.47 -4.96 -2.44
C LYS A 65 -15.05 -4.23 -2.23
N ALA A 66 -13.25 -5.39 -2.15
N ALA A 66 -13.92 -4.94 -2.12
CA ALA A 66 -13.01 -6.05 -0.87
CA ALA A 66 -13.68 -5.79 -0.96
C ALA A 66 -13.35 -5.11 0.34
C ALA A 66 -13.67 -4.96 0.30
N ALA A 67 -12.97 -3.83 0.27
CA ALA A 67 -13.10 -2.91 1.42
C ALA A 67 -14.56 -2.60 1.70
N THR A 68 -15.40 -2.50 0.68
N THR A 68 -15.36 -2.51 0.64
CA THR A 68 -16.81 -2.23 0.90
CA THR A 68 -16.79 -2.29 0.75
C THR A 68 -17.46 -3.42 1.62
C THR A 68 -17.48 -3.42 1.53
N GLU A 69 -16.90 -4.61 1.42
CA GLU A 69 -17.36 -5.83 2.09
C GLU A 69 -16.54 -6.14 3.37
N HIS A 70 -15.77 -5.16 3.83
CA HIS A 70 -14.96 -5.27 5.05
C HIS A 70 -13.97 -6.46 4.99
N GLN A 71 -13.34 -6.62 3.83
CA GLN A 71 -12.30 -7.60 3.59
C GLN A 71 -11.08 -6.87 3.05
N TYR A 72 -9.90 -7.33 3.45
CA TYR A 72 -8.66 -6.61 3.23
C TYR A 72 -7.55 -7.59 2.89
N PRO A 73 -6.90 -7.44 1.71
CA PRO A 73 -5.89 -8.43 1.36
C PRO A 73 -4.53 -8.17 2.01
N VAL A 74 -3.91 -9.25 2.46
CA VAL A 74 -2.57 -9.25 3.02
C VAL A 74 -1.69 -10.16 2.14
N PHE A 75 -0.56 -9.63 1.68
CA PHE A 75 0.43 -10.42 0.94
C PHE A 75 1.65 -10.51 1.84
N VAL A 76 2.13 -11.72 2.11
CA VAL A 76 3.26 -11.91 3.00
C VAL A 76 4.46 -12.36 2.20
N ALA A 77 5.48 -11.49 2.18
CA ALA A 77 6.73 -11.78 1.53
C ALA A 77 7.68 -12.43 2.52
N ASN A 78 8.54 -13.31 1.99
CA ASN A 78 9.57 -13.97 2.75
C ASN A 78 10.88 -13.34 2.26
N VAL A 79 11.38 -12.40 3.04
CA VAL A 79 12.59 -11.66 2.72
C VAL A 79 13.67 -12.08 3.73
N ASP A 80 14.67 -12.80 3.25
CA ASP A 80 15.75 -13.29 4.11
CA ASP A 80 15.76 -13.31 4.11
C ASP A 80 15.20 -14.10 5.29
N GLY A 81 14.17 -14.91 5.04
CA GLY A 81 13.55 -15.76 6.05
C GLY A 81 12.54 -15.11 6.98
N GLN A 82 12.33 -13.80 6.82
CA GLN A 82 11.44 -13.03 7.68
C GLN A 82 10.25 -12.49 6.93
N PRO A 83 9.09 -12.40 7.60
CA PRO A 83 7.94 -11.90 6.89
C PRO A 83 7.92 -10.36 6.76
N LYS A 84 7.44 -9.93 5.61
CA LYS A 84 7.02 -8.54 5.38
C LYS A 84 5.53 -8.63 5.05
N TYR A 85 4.72 -7.78 5.68
CA TYR A 85 3.28 -7.80 5.46
C TYR A 85 2.90 -6.63 4.57
N ILE A 86 2.32 -6.94 3.41
CA ILE A 86 1.96 -5.95 2.40
C ILE A 86 0.44 -5.78 2.42
N MSE A 87 -0.01 -4.54 2.54
CA MSE A 87 -1.39 -4.14 2.68
C MSE A 87 -1.78 -3.22 1.52
O MSE A 87 -0.94 -2.49 1.00
CB MSE A 87 -1.58 -3.45 4.02
CG MSE A 87 -1.37 -4.38 5.19
SE MSE A 87 -1.33 -3.60 6.91
CE MSE A 87 0.44 -2.83 6.83
N ALA A 88 -3.04 -3.31 1.13
CA ALA A 88 -3.58 -2.58 -0.01
C ALA A 88 -4.29 -1.31 0.43
N LEU A 89 -4.03 -0.24 -0.29
CA LEU A 89 -4.57 1.08 -0.05
C LEU A 89 -5.53 1.50 -1.16
N HIS A 90 -6.52 2.29 -0.79
CA HIS A 90 -7.46 2.86 -1.77
CA HIS A 90 -7.47 2.85 -1.75
C HIS A 90 -7.96 4.19 -1.21
N GLY A 91 -8.20 5.15 -2.09
CA GLY A 91 -8.64 6.47 -1.63
C GLY A 91 -8.93 7.39 -2.79
N ALA A 92 -8.86 8.69 -2.50
CA ALA A 92 -9.32 9.73 -3.40
C ALA A 92 -8.33 10.86 -3.52
N GLY A 93 -8.13 11.31 -4.75
CA GLY A 93 -7.26 12.43 -5.03
C GLY A 93 -8.05 13.63 -5.50
N LEU A 94 -7.36 14.55 -6.16
CA LEU A 94 -7.99 15.75 -6.66
C LEU A 94 -8.90 15.46 -7.86
N TRP A 95 -8.42 14.63 -8.78
CA TRP A 95 -9.12 14.40 -10.05
C TRP A 95 -9.62 12.99 -10.26
N GLY A 96 -9.32 12.10 -9.34
CA GLY A 96 -9.77 10.73 -9.46
C GLY A 96 -9.23 9.90 -8.32
N PRO A 97 -9.48 8.59 -8.36
CA PRO A 97 -9.03 7.67 -7.33
CA PRO A 97 -9.04 7.76 -7.27
C PRO A 97 -7.52 7.57 -7.17
N LEU A 98 -7.12 7.17 -5.98
CA LEU A 98 -5.77 6.82 -5.62
C LEU A 98 -5.78 5.38 -5.13
N TRP A 99 -4.62 4.72 -5.21
CA TRP A 99 -4.47 3.40 -4.60
C TRP A 99 -2.99 3.19 -4.31
N GLY A 100 -2.62 2.04 -3.78
CA GLY A 100 -1.24 1.76 -3.52
C GLY A 100 -1.09 0.55 -2.63
N TYR A 101 0.15 0.32 -2.22
CA TYR A 101 0.50 -0.77 -1.32
C TYR A 101 1.53 -0.27 -0.33
N ILE A 102 1.49 -0.78 0.88
CA ILE A 102 2.49 -0.44 1.87
CA ILE A 102 2.44 -0.42 1.94
C ILE A 102 2.86 -1.70 2.63
N SER A 103 4.15 -1.88 2.88
CA SER A 103 4.62 -3.06 3.57
C SER A 103 5.22 -2.67 4.91
N VAL A 104 5.09 -3.59 5.87
CA VAL A 104 5.71 -3.44 7.16
C VAL A 104 6.61 -4.63 7.48
N ASP A 105 7.56 -4.36 8.35
CA ASP A 105 8.48 -5.34 8.88
C ASP A 105 7.73 -6.35 9.77
N SER A 106 8.47 -7.32 10.27
CA SER A 106 7.86 -8.40 11.06
CA SER A 106 7.90 -8.41 11.08
C SER A 106 7.23 -7.91 12.36
N ASP A 107 7.62 -6.72 12.82
CA ASP A 107 6.99 -6.10 14.00
C ASP A 107 5.57 -5.56 13.72
N LYS A 108 5.11 -5.65 12.48
CA LYS A 108 3.75 -5.22 12.12
C LYS A 108 3.54 -3.73 12.50
N ASN A 109 4.58 -2.94 12.28
CA ASN A 109 4.54 -1.53 12.66
C ASN A 109 5.44 -0.63 11.80
N THR A 110 6.70 -1.04 11.65
CA THR A 110 7.68 -0.25 10.94
C THR A 110 7.54 -0.47 9.44
N ILE A 111 7.38 0.61 8.69
CA ILE A 111 7.21 0.53 7.25
C ILE A 111 8.51 0.15 6.56
N TYR A 112 8.41 -0.83 5.66
CA TYR A 112 9.53 -1.35 4.88
C TYR A 112 9.58 -0.70 3.47
N GLY A 113 8.42 -0.42 2.88
CA GLY A 113 8.36 0.24 1.59
C GLY A 113 6.94 0.61 1.26
N ALA A 114 6.75 1.30 0.15
CA ALA A 114 5.46 1.81 -0.25
C ALA A 114 5.43 2.08 -1.75
N ASP A 115 4.24 2.06 -2.32
CA ASP A 115 4.00 2.41 -3.72
C ASP A 115 2.64 3.06 -3.81
N PHE A 116 2.55 4.16 -4.56
CA PHE A 116 1.28 4.87 -4.72
C PHE A 116 0.98 5.06 -6.20
N SER A 117 -0.30 4.94 -6.52
CA SER A 117 -0.81 5.05 -7.86
C SER A 117 -2.04 5.94 -7.90
N HIS A 118 -2.42 6.33 -9.12
CA HIS A 118 -3.56 7.20 -9.30
C HIS A 118 -4.09 7.08 -10.71
N GLN A 119 -5.35 7.46 -10.86
CA GLN A 119 -6.04 7.42 -12.15
CA GLN A 119 -6.02 7.39 -12.15
C GLN A 119 -5.77 8.60 -13.04
N GLY A 120 -5.74 9.79 -12.46
CA GLY A 120 -5.67 11.01 -13.26
C GLY A 120 -5.11 12.23 -12.59
N GLU A 121 -4.18 12.04 -11.65
CA GLU A 121 -3.55 13.20 -11.02
C GLU A 121 -2.58 13.89 -11.99
N THR A 122 -2.25 15.12 -11.70
CA THR A 122 -1.54 15.98 -12.65
C THR A 122 -0.03 15.81 -12.64
N PRO A 123 0.57 15.56 -13.80
CA PRO A 123 2.04 15.50 -13.91
C PRO A 123 2.71 16.71 -13.28
N GLY A 124 3.69 16.44 -12.43
CA GLY A 124 4.43 17.49 -11.75
C GLY A 124 3.81 18.01 -10.47
N LEU A 125 2.56 17.62 -10.21
CA LEU A 125 1.83 18.05 -9.02
C LEU A 125 1.34 16.78 -8.33
N GLY A 126 0.04 16.52 -8.28
CA GLY A 126 -0.44 15.33 -7.59
C GLY A 126 0.15 14.01 -8.06
N ALA A 127 0.51 13.92 -9.34
CA ALA A 127 1.07 12.68 -9.88
C ALA A 127 2.42 12.31 -9.28
N GLU A 128 3.07 13.26 -8.59
CA GLU A 128 4.37 13.01 -7.98
C GLU A 128 4.31 11.99 -6.86
N ILE A 129 3.11 11.64 -6.39
CA ILE A 129 3.02 10.60 -5.36
C ILE A 129 3.55 9.26 -5.85
N SER A 130 3.55 9.05 -7.16
CA SER A 130 4.01 7.80 -7.76
C SER A 130 5.52 7.69 -7.92
N LYS A 131 6.26 8.70 -7.47
CA LYS A 131 7.71 8.73 -7.61
CA LYS A 131 7.70 8.72 -7.61
C LYS A 131 8.41 8.33 -6.32
N PRO A 132 9.59 7.71 -6.44
CA PRO A 132 10.32 7.32 -5.23
C PRO A 132 10.67 8.47 -4.29
N VAL A 133 10.89 9.67 -4.80
CA VAL A 133 11.20 10.79 -3.90
CA VAL A 133 11.17 10.82 -3.93
C VAL A 133 10.09 10.94 -2.85
N PHE A 134 8.85 10.64 -3.22
CA PHE A 134 7.75 10.70 -2.27
C PHE A 134 7.66 9.42 -1.42
N SER A 135 7.62 8.27 -2.07
CA SER A 135 7.35 7.03 -1.34
C SER A 135 8.49 6.59 -0.44
N ASN A 136 9.73 6.92 -0.81
CA ASN A 136 10.87 6.49 0.00
C ASN A 136 10.85 7.06 1.40
N GLU A 137 10.20 8.19 1.60
CA GLU A 137 10.14 8.84 2.90
CA GLU A 137 10.22 8.81 2.93
C GLU A 137 9.39 8.03 3.95
N PHE A 138 8.52 7.12 3.50
CA PHE A 138 7.77 6.29 4.44
C PHE A 138 8.61 5.22 5.11
N LYS A 139 9.72 4.83 4.49
CA LYS A 139 10.56 3.78 5.04
C LYS A 139 11.03 4.13 6.44
N GLY A 140 10.83 3.22 7.38
CA GLY A 140 11.27 3.44 8.75
C GLY A 140 10.26 4.14 9.64
N LYS A 141 9.20 4.70 9.05
CA LYS A 141 8.16 5.33 9.84
CA LYS A 141 8.13 5.33 9.82
C LYS A 141 7.26 4.25 10.44
N LYS A 142 6.60 4.57 11.55
CA LYS A 142 5.78 3.63 12.28
C LYS A 142 4.31 4.04 12.24
N ILE A 143 3.45 3.03 12.11
CA ILE A 143 2.00 3.21 12.04
CA ILE A 143 2.03 3.35 12.04
CA ILE A 143 1.99 3.18 12.05
C ILE A 143 1.38 3.38 13.44
N PHE A 144 2.00 2.77 14.45
CA PHE A 144 1.55 2.82 15.81
C PHE A 144 2.57 3.56 16.66
N MSE A 145 2.09 4.43 17.55
CA MSE A 145 2.89 5.18 18.49
CA MSE A 145 2.97 5.14 18.45
C MSE A 145 2.66 4.60 19.86
O MSE A 145 1.58 4.77 20.41
CB MSE A 145 2.45 6.63 18.51
CB MSE A 145 2.83 6.66 18.27
CG MSE A 145 2.83 7.41 17.27
CG MSE A 145 3.15 7.13 16.81
SE MSE A 145 4.73 7.72 17.08
SE MSE A 145 4.99 6.92 16.07
CE MSE A 145 5.19 6.11 16.06
CE MSE A 145 5.86 8.34 17.09
N SER A 146 3.63 3.84 20.36
CA SER A 146 3.50 3.20 21.66
CA SER A 146 3.54 3.10 21.62
CA SER A 146 3.51 3.16 21.65
C SER A 146 2.17 2.46 21.79
N GLY A 147 1.83 1.66 20.79
CA GLY A 147 0.62 0.88 20.80
C GLY A 147 -0.62 1.51 20.21
N GLU A 148 -0.60 2.83 20.02
CA GLU A 148 -1.76 3.57 19.56
C GLU A 148 -1.71 3.75 18.03
N PHE A 149 -2.73 3.30 17.33
CA PHE A 149 -2.82 3.47 15.89
C PHE A 149 -2.90 4.95 15.52
N LYS A 150 -1.95 5.44 14.73
CA LYS A 150 -1.99 6.82 14.25
C LYS A 150 -1.88 6.95 12.74
N SER A 151 -1.24 5.99 12.08
CA SER A 151 -0.85 6.13 10.68
C SER A 151 0.22 7.24 10.57
N VAL A 152 0.66 7.48 9.34
CA VAL A 152 1.72 8.44 9.05
C VAL A 152 1.11 9.66 8.38
N ALA A 153 1.38 10.83 8.95
CA ALA A 153 0.86 12.09 8.41
C ALA A 153 1.64 12.54 7.19
N VAL A 154 0.95 13.26 6.30
CA VAL A 154 1.58 13.90 5.15
C VAL A 154 1.44 15.40 5.39
N VAL A 155 2.54 16.09 5.59
CA VAL A 155 2.53 17.50 5.99
C VAL A 155 2.95 18.42 4.85
N LYS A 156 2.70 19.71 5.02
CA LYS A 156 3.19 20.68 4.05
C LYS A 156 4.71 20.64 4.14
N PRO A 157 5.40 20.63 2.98
N PRO A 157 5.42 20.76 3.01
CA PRO A 157 6.85 20.45 2.92
CA PRO A 157 6.86 20.80 3.27
C PRO A 157 7.64 21.25 3.95
C PRO A 157 7.20 21.97 4.20
N GLY A 158 8.52 20.58 4.69
N GLY A 158 8.05 21.72 5.19
CA GLY A 158 9.34 21.23 5.70
CA GLY A 158 8.43 22.73 6.17
C GLY A 158 8.73 21.33 7.09
C GLY A 158 7.71 22.54 7.49
N LYS A 159 7.46 20.96 7.23
N LYS A 159 6.58 21.84 7.46
CA LYS A 159 6.79 21.05 8.54
CA LYS A 159 5.81 21.59 8.67
C LYS A 159 6.93 19.77 9.36
C LYS A 159 6.20 20.24 9.29
N SER A 160 6.36 19.78 10.55
N SER A 160 5.68 19.97 10.48
CA SER A 160 6.41 18.62 11.43
CA SER A 160 6.01 18.73 11.17
C SER A 160 5.18 18.51 12.33
C SER A 160 4.87 18.40 12.09
N VAL A 161 4.95 17.27 12.78
CA VAL A 161 3.90 16.88 13.72
CA VAL A 161 3.93 16.98 13.77
C VAL A 161 4.58 16.22 14.91
N ALA A 162 4.30 16.66 16.12
CA ALA A 162 4.84 16.02 17.31
C ALA A 162 3.92 14.87 17.70
N GLY A 163 4.51 13.72 18.02
CA GLY A 163 3.72 12.59 18.52
C GLY A 163 3.19 11.63 17.46
N GLN A 164 3.52 11.86 16.21
CA GLN A 164 3.10 11.04 15.10
C GLN A 164 4.19 11.10 14.04
N ASP A 165 4.50 9.99 13.38
CA ASP A 165 5.44 10.03 12.27
CA ASP A 165 5.45 10.04 12.28
C ASP A 165 4.80 10.75 11.08
N TYR A 166 5.64 11.36 10.25
CA TYR A 166 5.14 12.14 9.14
C TYR A 166 6.17 12.19 8.02
N VAL A 167 5.67 12.50 6.82
CA VAL A 167 6.51 12.73 5.66
C VAL A 167 6.04 14.00 4.98
N ASP A 168 6.90 14.57 4.15
CA ASP A 168 6.50 15.73 3.35
C ASP A 168 5.56 15.36 2.22
N GLY A 169 4.57 16.22 2.03
CA GLY A 169 3.71 16.15 0.86
C GLY A 169 4.38 16.80 -0.36
N ILE A 170 3.57 16.98 -1.38
CA ILE A 170 4.02 17.50 -2.67
CA ILE A 170 4.03 17.52 -2.65
C ILE A 170 3.73 18.99 -2.76
N SER A 171 4.75 19.78 -3.07
CA SER A 171 4.59 21.21 -3.30
CA SER A 171 4.56 21.21 -3.28
CA SER A 171 4.57 21.21 -3.29
C SER A 171 3.60 21.43 -4.45
N GLY A 172 2.54 22.20 -4.20
CA GLY A 172 1.54 22.44 -5.22
C GLY A 172 0.58 21.27 -5.40
N GLY A 173 0.70 20.24 -4.56
CA GLY A 173 -0.14 19.05 -4.62
C GLY A 173 -0.80 18.78 -3.29
N THR A 174 -1.29 19.81 -2.63
N THR A 174 -1.32 19.84 -2.67
CA THR A 174 -1.80 19.62 -1.28
CA THR A 174 -1.94 19.78 -1.35
C THR A 174 -3.08 18.75 -1.19
C THR A 174 -3.04 18.75 -1.24
N ILE A 175 -4.03 18.88 -2.12
CA ILE A 175 -5.22 18.03 -2.03
CA ILE A 175 -5.21 18.01 -2.09
C ILE A 175 -4.84 16.55 -2.27
N THR A 176 -3.97 16.27 -3.22
CA THR A 176 -3.55 14.90 -3.45
C THR A 176 -2.79 14.35 -2.22
N SER A 177 -1.91 15.18 -1.65
CA SER A 177 -1.13 14.81 -0.47
C SER A 177 -2.04 14.47 0.71
N LYS A 178 -3.04 15.31 0.94
CA LYS A 178 -4.07 15.07 1.95
CA LYS A 178 -4.03 15.06 1.97
C LYS A 178 -4.81 13.77 1.64
N GLY A 179 -5.09 13.54 0.37
CA GLY A 179 -5.74 12.31 -0.04
C GLY A 179 -4.92 11.08 0.29
N VAL A 180 -3.60 11.18 0.16
CA VAL A 180 -2.71 10.08 0.57
C VAL A 180 -2.77 9.87 2.08
N ASP A 181 -2.68 10.97 2.84
CA ASP A 181 -2.76 10.89 4.30
C ASP A 181 -4.06 10.18 4.71
N GLU A 182 -5.17 10.61 4.16
CA GLU A 182 -6.48 10.04 4.47
C GLU A 182 -6.57 8.59 4.00
N MSE A 183 -6.05 8.30 2.81
CA MSE A 183 -6.03 6.95 2.27
C MSE A 183 -5.29 6.00 3.19
O MSE A 183 -5.74 4.88 3.46
CB MSE A 183 -5.36 6.93 0.88
CG MSE A 183 -5.06 5.53 0.38
SE MSE A 183 -4.67 5.46 -1.50
CE MSE A 183 -3.02 6.42 -1.49
N LEU A 184 -4.13 6.42 3.68
CA LEU A 184 -3.36 5.60 4.59
C LEU A 184 -4.15 5.33 5.88
N PHE A 185 -4.67 6.38 6.48
CA PHE A 185 -5.39 6.18 7.73
C PHE A 185 -6.61 5.29 7.55
N ASN A 186 -7.42 5.61 6.55
CA ASN A 186 -8.68 4.90 6.34
C ASN A 186 -8.44 3.45 5.89
N SER A 187 -7.45 3.26 5.04
CA SER A 187 -7.17 1.91 4.54
C SER A 187 -6.53 1.04 5.63
N LEU A 188 -5.53 1.59 6.31
CA LEU A 188 -4.85 0.82 7.35
C LEU A 188 -5.75 0.52 8.54
N SER A 189 -6.77 1.36 8.77
CA SER A 189 -7.72 1.11 9.86
CA SER A 189 -7.72 1.13 9.84
CA SER A 189 -7.69 1.11 9.87
C SER A 189 -8.31 -0.28 9.74
N GLY A 190 -8.60 -0.73 8.52
CA GLY A 190 -9.19 -2.05 8.34
C GLY A 190 -8.28 -3.18 8.82
N TYR A 191 -6.98 -2.97 8.70
CA TYR A 191 -5.97 -3.96 9.06
C TYR A 191 -5.55 -3.94 10.52
N VAL A 192 -6.06 -3.00 11.33
CA VAL A 192 -5.51 -2.84 12.66
C VAL A 192 -5.59 -4.10 13.51
N LYS A 193 -6.69 -4.83 13.49
CA LYS A 193 -6.79 -6.05 14.32
CA LYS A 193 -6.75 -6.02 14.35
CA LYS A 193 -6.79 -6.03 14.33
C LYS A 193 -5.80 -7.12 13.90
N PHE A 194 -5.55 -7.23 12.59
CA PHE A 194 -4.52 -8.16 12.11
C PHE A 194 -3.13 -7.70 12.62
N LEU A 195 -2.87 -6.41 12.50
CA LEU A 195 -1.59 -5.88 12.94
C LEU A 195 -1.35 -6.00 14.44
N THR A 196 -2.40 -5.91 15.25
CA THR A 196 -2.23 -5.99 16.70
C THR A 196 -2.39 -7.41 17.25
N SER A 197 -2.71 -8.39 16.39
CA SER A 197 -2.91 -9.76 16.84
C SER A 197 -1.57 -10.26 17.40
N GLN A 198 -1.66 -10.88 18.58
CA GLN A 198 -0.49 -11.24 19.38
CA GLN A 198 -0.52 -11.21 19.39
C GLN A 198 -0.73 -12.51 20.18
N ASN A 199 0.19 -13.47 20.08
CA ASN A 199 0.13 -14.65 20.93
C ASN A 199 0.44 -14.31 22.38
C1 GOL B . -6.14 19.02 -15.22
O1 GOL B . -5.34 19.52 -16.29
C2 GOL B . -6.96 17.84 -15.72
O2 GOL B . -6.14 16.78 -16.14
C3 GOL B . -7.89 17.31 -14.63
O3 GOL B . -8.72 16.25 -15.09
C1 GOL C . 0.77 -3.76 18.02
C1 GOL C . 1.65 -2.93 18.79
O1 GOL C . -0.11 -3.36 19.03
O1 GOL C . 2.51 -4.01 18.53
C2 GOL C . 1.29 -2.56 17.26
C2 GOL C . 1.63 -2.18 17.49
O2 GOL C . 2.31 -1.92 17.99
O2 GOL C . 2.90 -1.57 17.31
C3 GOL C . 1.82 -3.06 15.92
C3 GOL C . 1.31 -3.20 16.40
O3 GOL C . 2.12 -4.43 16.01
O3 GOL C . 2.52 -3.73 15.91
C1 GOL D . -3.84 10.61 9.98
O1 GOL D . -2.63 11.30 9.76
C2 GOL D . -4.89 11.57 10.51
O2 GOL D . -4.47 11.98 11.79
C3 GOL D . -6.24 10.85 10.65
O3 GOL D . -7.28 11.72 11.01
#